data_8BWT
#
_entry.id   8BWT
#
_entity_poly.entity_id   1
_entity_poly.type   'polyribonucleotide'
_entity_poly.pdbx_seq_one_letter_code
;GGCGUUUUCGCUUCGGCGUUUACGCC
;
_entity_poly.pdbx_strand_id   A
#
loop_
_chem_comp.id
_chem_comp.type
_chem_comp.name
_chem_comp.formula
A RNA linking ADENOSINE-5'-MONOPHOSPHATE 'C10 H14 N5 O7 P'
C RNA linking CYTIDINE-5'-MONOPHOSPHATE 'C9 H14 N3 O8 P'
G RNA linking GUANOSINE-5'-MONOPHOSPHATE 'C10 H14 N5 O8 P'
U RNA linking URIDINE-5'-MONOPHOSPHATE 'C9 H13 N2 O9 P'
#